data_2LC8
#
_entry.id   2LC8
#
_entity_poly.entity_id   1
_entity_poly.type   'polyribonucleotide'
_entity_poly.pdbx_seq_one_letter_code
;GGAGGUCAGGGUCAGGAGCCCCCCCCUGAACCCAGGAUAACCCUCAAAGUCGGGGGGCAACCC
;
_entity_poly.pdbx_strand_id   A
#